data_3BSU
#
_entry.id   3BSU
#
_cell.length_a   45.492
_cell.length_b   64.262
_cell.length_c   140.322
_cell.angle_alpha   90.00
_cell.angle_beta   90.00
_cell.angle_gamma   90.00
#
_symmetry.space_group_name_H-M   'P 21 21 21'
#
loop_
_entity.id
_entity.type
_entity.pdbx_description
1 polymer "RNA (5'-R(*GP*AP*CP*AP*CP*CP*UP*GP*AP*UP*UP*C)-3')"
2 polymer "DNA (5'-D(*DGP*DAP*DAP*DTP*DCP*DAP*DGP*DGP*(5IU)P*DGP*DTP*DC)-3')"
3 polymer 'Ribonuclease H1'
4 non-polymer 'MAGNESIUM ION'
5 water water
#
loop_
_entity_poly.entity_id
_entity_poly.type
_entity_poly.pdbx_seq_one_letter_code
_entity_poly.pdbx_strand_id
1 'polyribonucleotide' GACACCUGAUUC D,I
2 'polydeoxyribonucleotide' (DG)(DA)(DA)(DT)(DC)(DA)(DG)(DG)(5IU)(DG)(DT)(DC) E,J
3 'polypeptide(L)' GSHMFYAVRRGRKTGVFLTWNECRAQVDRFPAARFKKFATEDEAWAFVRKSAS A,B,C,F,G,H
#
# COMPACT_ATOMS: atom_id res chain seq x y z
N HIS E 3 -3.48 8.67 -9.47
CA HIS E 3 -3.99 7.37 -10.01
C HIS E 3 -5.24 6.92 -9.29
N MET E 4 -6.17 7.84 -9.07
CA MET E 4 -7.40 7.48 -8.42
C MET E 4 -8.55 7.57 -9.42
N PHE E 5 -9.15 6.43 -9.72
CA PHE E 5 -10.26 6.39 -10.64
C PHE E 5 -11.51 5.85 -9.94
N TYR E 6 -12.58 6.64 -9.93
CA TYR E 6 -13.78 6.17 -9.25
C TYR E 6 -14.85 5.85 -10.26
N ALA E 7 -15.15 4.57 -10.38
CA ALA E 7 -16.15 4.15 -11.34
C ALA E 7 -17.53 4.23 -10.72
N VAL E 8 -18.44 4.93 -11.38
CA VAL E 8 -19.81 5.04 -10.89
C VAL E 8 -20.72 4.24 -11.83
N ARG E 9 -20.98 2.98 -11.48
CA ARG E 9 -21.85 2.11 -12.27
C ARG E 9 -23.35 2.42 -12.07
N ARG E 10 -23.71 2.71 -10.82
CA ARG E 10 -25.09 3.05 -10.44
C ARG E 10 -25.06 4.30 -9.55
N GLY E 11 -25.55 5.41 -10.06
CA GLY E 11 -25.54 6.64 -9.30
C GLY E 11 -26.19 7.76 -10.08
N ARG E 12 -26.10 8.99 -9.58
CA ARG E 12 -26.74 10.10 -10.28
C ARG E 12 -26.24 10.18 -11.72
N LYS E 13 -24.94 10.07 -11.87
CA LYS E 13 -24.33 10.06 -13.16
C LYS E 13 -23.37 8.87 -13.10
N THR E 14 -23.39 8.06 -14.15
CA THR E 14 -22.52 6.90 -14.28
C THR E 14 -21.21 7.38 -14.93
N GLY E 15 -20.11 6.63 -14.82
CA GLY E 15 -18.89 7.09 -15.45
C GLY E 15 -17.67 6.94 -14.57
N VAL E 16 -16.60 7.64 -14.95
CA VAL E 16 -15.38 7.56 -14.17
C VAL E 16 -15.08 8.95 -13.65
N PHE E 17 -14.68 9.02 -12.38
CA PHE E 17 -14.35 10.29 -11.75
C PHE E 17 -12.96 10.19 -11.15
N LEU E 18 -12.29 11.33 -11.06
CA LEU E 18 -10.94 11.40 -10.53
C LEU E 18 -10.79 11.73 -9.06
N THR E 19 -11.84 12.16 -8.41
CA THR E 19 -11.72 12.51 -6.99
C THR E 19 -12.91 11.96 -6.24
N TRP E 20 -12.69 11.62 -4.99
CA TRP E 20 -13.77 11.09 -4.18
C TRP E 20 -14.90 12.09 -3.98
N ASN E 21 -14.60 13.40 -3.87
CA ASN E 21 -15.66 14.39 -3.69
C ASN E 21 -16.64 14.32 -4.87
N GLU E 22 -16.09 14.18 -6.09
CA GLU E 22 -16.92 14.07 -7.30
C GLU E 22 -17.81 12.84 -7.29
N CYS E 23 -17.20 11.69 -7.06
CA CYS E 23 -17.91 10.42 -7.01
C CYS E 23 -18.94 10.45 -5.89
N ARG E 24 -18.53 11.00 -4.76
CA ARG E 24 -19.42 11.07 -3.62
C ARG E 24 -20.71 11.83 -3.93
N ALA E 25 -20.62 12.93 -4.66
CA ALA E 25 -21.81 13.70 -5.00
C ALA E 25 -22.76 12.95 -5.91
N GLN E 26 -22.30 11.88 -6.56
CA GLN E 26 -23.19 11.10 -7.43
C GLN E 26 -23.79 9.88 -6.68
N VAL E 27 -23.09 9.38 -5.68
CA VAL E 27 -23.57 8.20 -4.95
C VAL E 27 -24.10 8.36 -3.53
N ASP E 28 -23.80 9.49 -2.87
CA ASP E 28 -24.27 9.68 -1.50
C ASP E 28 -25.78 9.90 -1.48
N ARG E 29 -26.44 9.12 -0.62
CA ARG E 29 -27.90 9.17 -0.48
C ARG E 29 -28.64 8.71 -1.73
N PHE E 30 -27.94 8.01 -2.60
CA PHE E 30 -28.58 7.50 -3.81
C PHE E 30 -28.90 6.02 -3.62
N PRO E 31 -30.16 5.62 -3.85
CA PRO E 31 -30.50 4.20 -3.66
C PRO E 31 -29.80 3.19 -4.55
N ALA E 32 -29.28 2.14 -3.91
CA ALA E 32 -28.60 1.06 -4.62
C ALA E 32 -27.38 1.53 -5.40
N ALA E 33 -26.79 2.65 -4.99
CA ALA E 33 -25.61 3.19 -5.67
C ALA E 33 -24.54 2.13 -5.79
N ARG E 34 -23.83 2.14 -6.91
CA ARG E 34 -22.78 1.15 -7.12
C ARG E 34 -21.55 1.85 -7.67
N PHE E 35 -20.49 1.85 -6.89
CA PHE E 35 -19.28 2.52 -7.29
C PHE E 35 -18.08 1.82 -6.68
N LYS E 36 -16.92 2.00 -7.30
CA LYS E 36 -15.70 1.40 -6.80
C LYS E 36 -14.50 2.19 -7.30
N LYS E 37 -13.45 2.23 -6.49
CA LYS E 37 -12.25 2.98 -6.88
C LYS E 37 -11.16 2.07 -7.44
N PHE E 38 -10.60 2.46 -8.59
CA PHE E 38 -9.54 1.66 -9.20
C PHE E 38 -8.28 2.50 -9.43
N ALA E 39 -7.14 1.81 -9.51
CA ALA E 39 -5.85 2.44 -9.72
C ALA E 39 -5.62 2.86 -11.17
N THR E 40 -6.28 2.19 -12.11
CA THR E 40 -6.12 2.52 -13.53
C THR E 40 -7.44 2.81 -14.25
N GLU E 41 -7.48 3.88 -15.03
CA GLU E 41 -8.70 4.24 -15.73
C GLU E 41 -9.36 3.08 -16.43
N ASP E 42 -8.54 2.23 -17.04
CA ASP E 42 -9.09 1.09 -17.78
C ASP E 42 -10.02 0.25 -16.92
N GLU E 43 -9.53 -0.18 -15.75
CA GLU E 43 -10.31 -1.00 -14.82
C GLU E 43 -11.61 -0.34 -14.34
N ALA E 44 -11.60 0.98 -14.32
CA ALA E 44 -12.75 1.76 -13.91
C ALA E 44 -13.84 1.65 -14.96
N TRP E 45 -13.44 1.70 -16.23
CA TRP E 45 -14.42 1.59 -17.30
C TRP E 45 -15.04 0.22 -17.36
N ALA E 46 -14.24 -0.81 -17.12
CA ALA E 46 -14.76 -2.15 -17.16
C ALA E 46 -15.92 -2.25 -16.18
N PHE E 47 -15.67 -1.79 -14.95
CA PHE E 47 -16.66 -1.79 -13.89
C PHE E 47 -17.90 -1.05 -14.33
N VAL E 48 -17.71 0.07 -15.03
CA VAL E 48 -18.83 0.88 -15.49
C VAL E 48 -19.58 0.34 -16.72
N ARG E 49 -18.88 -0.42 -17.57
CA ARG E 49 -19.51 -0.95 -18.77
C ARG E 49 -20.00 -2.39 -18.64
N LYS E 50 -19.52 -3.13 -17.64
CA LYS E 50 -19.94 -4.52 -17.51
C LYS E 50 -21.45 -4.68 -17.38
N HIS F 3 -10.05 -11.27 0.56
CA HIS F 3 -11.17 -12.17 0.16
C HIS F 3 -11.39 -13.26 1.22
N MET F 4 -12.38 -13.04 2.10
CA MET F 4 -12.71 -13.95 3.20
C MET F 4 -13.73 -15.05 2.90
N PHE F 5 -14.16 -15.72 3.97
CA PHE F 5 -15.14 -16.79 3.93
C PHE F 5 -16.47 -16.28 4.49
N TYR F 6 -17.53 -16.36 3.70
CA TYR F 6 -18.84 -15.89 4.14
C TYR F 6 -19.66 -17.04 4.67
N ALA F 7 -19.91 -16.99 5.97
CA ALA F 7 -20.65 -18.00 6.68
C ALA F 7 -22.12 -17.63 6.76
N VAL F 8 -22.97 -18.51 6.24
CA VAL F 8 -24.41 -18.32 6.24
C VAL F 8 -25.09 -19.30 7.20
N ARG F 9 -25.50 -18.84 8.37
CA ARG F 9 -26.16 -19.72 9.33
C ARG F 9 -27.63 -19.87 8.94
N ARG F 10 -28.27 -18.76 8.55
CA ARG F 10 -29.66 -18.83 8.13
C ARG F 10 -29.77 -18.17 6.76
N GLY F 11 -30.32 -18.89 5.78
CA GLY F 11 -30.44 -18.34 4.44
C GLY F 11 -31.02 -19.38 3.52
N ARG F 12 -31.19 -19.03 2.24
CA ARG F 12 -31.77 -19.96 1.26
C ARG F 12 -30.98 -21.22 1.35
N LYS F 13 -29.70 -21.16 1.03
CA LYS F 13 -28.85 -22.33 1.16
C LYS F 13 -27.77 -21.94 2.15
N THR F 14 -27.51 -22.79 3.12
CA THR F 14 -26.47 -22.52 4.11
C THR F 14 -25.16 -23.20 3.77
N GLY F 15 -24.09 -22.75 4.42
CA GLY F 15 -22.77 -23.29 4.17
C GLY F 15 -21.80 -22.13 4.18
N VAL F 16 -20.61 -22.35 3.65
CA VAL F 16 -19.61 -21.32 3.59
C VAL F 16 -19.38 -20.99 2.10
N PHE F 17 -19.49 -19.72 1.75
CA PHE F 17 -19.32 -19.28 0.38
C PHE F 17 -18.06 -18.43 0.31
N LEU F 18 -17.51 -18.30 -0.90
CA LEU F 18 -16.28 -17.56 -1.07
C LEU F 18 -16.43 -16.15 -1.64
N THR F 19 -17.64 -15.79 -2.05
CA THR F 19 -17.86 -14.46 -2.63
C THR F 19 -19.11 -13.82 -2.05
N TRP F 20 -19.13 -12.49 -1.96
CA TRP F 20 -20.31 -11.83 -1.44
C TRP F 20 -21.52 -12.13 -2.32
N ASN F 21 -21.31 -12.21 -3.64
CA ASN F 21 -22.43 -12.51 -4.56
C ASN F 21 -23.21 -13.77 -4.20
N GLU F 22 -22.47 -14.84 -3.98
CA GLU F 22 -23.05 -16.13 -3.64
C GLU F 22 -23.69 -16.05 -2.26
N CYS F 23 -23.01 -15.38 -1.34
CA CYS F 23 -23.53 -15.23 0.00
C CYS F 23 -24.80 -14.38 -0.15
N ARG F 24 -24.69 -13.29 -0.88
CA ARG F 24 -25.81 -12.37 -1.10
C ARG F 24 -27.04 -13.05 -1.63
N ALA F 25 -26.84 -13.94 -2.60
CA ALA F 25 -27.95 -14.67 -3.19
C ALA F 25 -28.71 -15.50 -2.16
N GLN F 26 -28.07 -15.82 -1.03
CA GLN F 26 -28.73 -16.62 -0.02
C GLN F 26 -29.39 -15.80 1.08
N VAL F 27 -28.85 -14.63 1.40
CA VAL F 27 -29.39 -13.83 2.47
C VAL F 27 -30.24 -12.60 2.14
N ASP F 28 -30.09 -12.03 0.96
CA ASP F 28 -30.86 -10.84 0.64
C ASP F 28 -32.37 -11.08 0.48
N ARG F 29 -33.12 -10.44 1.37
CA ARG F 29 -34.57 -10.53 1.46
C ARG F 29 -35.02 -11.87 2.03
N PHE F 30 -34.15 -12.51 2.81
CA PHE F 30 -34.49 -13.78 3.46
C PHE F 30 -34.86 -13.39 4.89
N PRO F 31 -36.04 -13.81 5.36
CA PRO F 31 -36.36 -13.39 6.72
C PRO F 31 -35.47 -14.00 7.80
N ALA F 32 -34.95 -13.15 8.67
CA ALA F 32 -34.14 -13.64 9.79
C ALA F 32 -32.79 -14.20 9.39
N ALA F 33 -32.28 -13.78 8.24
CA ALA F 33 -31.00 -14.25 7.74
C ALA F 33 -29.82 -13.99 8.67
N ARG F 34 -28.97 -14.99 8.85
CA ARG F 34 -27.80 -14.78 9.69
C ARG F 34 -26.50 -15.17 8.96
N PHE F 35 -25.63 -14.19 8.72
CA PHE F 35 -24.36 -14.42 8.03
C PHE F 35 -23.27 -13.48 8.54
N LYS F 36 -22.02 -13.86 8.33
CA LYS F 36 -20.89 -13.05 8.76
C LYS F 36 -19.63 -13.49 8.02
N LYS F 37 -18.65 -12.62 7.85
CA LYS F 37 -17.46 -13.10 7.17
C LYS F 37 -16.33 -13.42 8.14
N PHE F 38 -15.59 -14.48 7.85
CA PHE F 38 -14.49 -14.90 8.71
C PHE F 38 -13.19 -15.09 7.93
N ALA F 39 -12.08 -14.93 8.65
CA ALA F 39 -10.76 -15.09 8.08
C ALA F 39 -10.48 -16.53 7.60
N THR F 40 -11.03 -17.52 8.28
CA THR F 40 -10.77 -18.90 7.91
C THR F 40 -12.04 -19.68 7.70
N GLU F 41 -11.93 -20.81 7.02
CA GLU F 41 -13.09 -21.64 6.77
C GLU F 41 -13.57 -22.30 8.06
N ASP F 42 -12.63 -22.61 8.94
CA ASP F 42 -12.97 -23.25 10.22
C ASP F 42 -13.84 -22.36 11.09
N GLU F 43 -13.47 -21.09 11.19
CA GLU F 43 -14.23 -20.12 11.96
C GLU F 43 -15.61 -19.98 11.35
N ALA F 44 -15.64 -20.02 10.02
CA ALA F 44 -16.87 -19.91 9.27
C ALA F 44 -17.79 -21.07 9.55
N TRP F 45 -17.32 -22.29 9.38
CA TRP F 45 -18.21 -23.42 9.67
C TRP F 45 -18.58 -23.46 11.15
N ALA F 46 -17.83 -22.74 11.98
CA ALA F 46 -18.15 -22.72 13.40
C ALA F 46 -19.41 -21.85 13.56
N PHE F 47 -19.47 -20.76 12.81
CA PHE F 47 -20.60 -19.85 12.87
C PHE F 47 -21.84 -20.50 12.26
N VAL F 48 -21.64 -21.34 11.26
CA VAL F 48 -22.78 -22.01 10.63
C VAL F 48 -23.53 -22.93 11.59
N ARG F 49 -22.80 -23.56 12.49
CA ARG F 49 -23.43 -24.49 13.43
C ARG F 49 -23.93 -23.97 14.76
N LYS F 50 -23.81 -22.69 15.05
CA LYS F 50 -24.29 -22.20 16.34
C LYS F 50 -25.80 -21.93 16.34
N MET G 4 5.11 12.49 12.73
CA MET G 4 3.99 13.02 11.88
C MET G 4 3.15 14.03 12.64
N PHE G 5 2.44 14.88 11.91
CA PHE G 5 1.60 15.87 12.57
C PHE G 5 0.16 15.57 12.25
N TYR G 6 -0.63 15.37 13.29
CA TYR G 6 -2.04 15.05 13.10
C TYR G 6 -2.96 16.30 13.06
N ALA G 7 -3.56 16.50 11.89
CA ALA G 7 -4.46 17.62 11.68
C ALA G 7 -5.92 17.18 11.78
N VAL G 8 -6.66 17.87 12.65
CA VAL G 8 -8.07 17.62 12.84
C VAL G 8 -8.76 18.91 12.45
N ARG G 9 -9.35 18.97 11.27
CA ARG G 9 -9.99 20.22 10.88
C ARG G 9 -11.41 20.25 11.43
N ARG G 10 -11.94 19.08 11.73
CA ARG G 10 -13.28 18.94 12.30
C ARG G 10 -13.33 17.75 13.27
N GLY G 11 -13.65 18.05 14.53
CA GLY G 11 -13.74 17.03 15.56
C GLY G 11 -14.08 17.68 16.88
N ARG G 12 -13.99 16.93 17.98
CA ARG G 12 -14.29 17.47 19.29
C ARG G 12 -13.45 18.71 19.50
N LYS G 13 -12.13 18.56 19.39
CA LYS G 13 -11.18 19.69 19.53
C LYS G 13 -10.27 19.75 18.32
N THR G 14 -10.41 20.80 17.51
CA THR G 14 -9.57 20.98 16.31
C THR G 14 -8.17 21.47 16.66
N GLY G 15 -7.25 21.29 15.71
CA GLY G 15 -5.88 21.70 15.91
C GLY G 15 -4.94 20.66 15.35
N VAL G 16 -3.65 20.82 15.65
CA VAL G 16 -2.65 19.87 15.19
C VAL G 16 -2.14 19.17 16.44
N PHE G 17 -1.94 17.86 16.35
CA PHE G 17 -1.46 17.08 17.49
C PHE G 17 -0.27 16.25 17.09
N LEU G 18 0.55 15.89 18.08
CA LEU G 18 1.76 15.14 17.81
C LEU G 18 1.64 13.64 17.89
N THR G 19 0.47 13.13 18.24
CA THR G 19 0.33 11.69 18.33
C THR G 19 -1.06 11.24 17.95
N TRP G 20 -1.12 10.04 17.40
CA TRP G 20 -2.39 9.46 17.01
C TRP G 20 -3.28 9.34 18.25
N ASN G 21 -2.65 9.05 19.39
CA ASN G 21 -3.38 8.91 20.65
C ASN G 21 -4.23 10.12 21.01
N GLU G 22 -3.64 11.30 20.90
CA GLU G 22 -4.34 12.52 21.21
C GLU G 22 -5.27 12.91 20.04
N CYS G 23 -4.83 12.63 18.82
CA CYS G 23 -5.63 12.95 17.65
C CYS G 23 -6.97 12.22 17.69
N ARG G 24 -6.90 10.92 17.93
CA ARG G 24 -8.10 10.07 17.96
C ARG G 24 -9.11 10.45 19.02
N ALA G 25 -8.69 11.14 20.08
CA ALA G 25 -9.63 11.52 21.11
C ALA G 25 -10.63 12.54 20.56
N GLN G 26 -10.20 13.24 19.52
CA GLN G 26 -11.04 14.27 18.89
C GLN G 26 -11.97 13.72 17.80
N VAL G 27 -11.49 12.73 17.06
CA VAL G 27 -12.23 12.16 15.93
C VAL G 27 -12.94 10.79 16.08
N ASP G 28 -12.46 9.90 16.93
CA ASP G 28 -13.13 8.58 17.09
C ASP G 28 -14.58 8.75 17.63
N ARG G 29 -15.54 8.14 16.94
CA ARG G 29 -16.97 8.17 17.31
C ARG G 29 -17.60 9.54 17.11
N PHE G 30 -16.89 10.42 16.42
CA PHE G 30 -17.40 11.76 16.15
C PHE G 30 -17.86 11.78 14.69
N PRO G 31 -19.18 11.81 14.49
CA PRO G 31 -19.72 11.81 13.12
C PRO G 31 -19.07 12.75 12.11
N ALA G 32 -18.67 12.18 10.99
CA ALA G 32 -18.08 12.95 9.92
C ALA G 32 -16.84 13.76 10.32
N ALA G 33 -16.01 13.20 11.19
CA ALA G 33 -14.79 13.88 11.60
C ALA G 33 -13.85 13.97 10.40
N ARG G 34 -13.14 15.10 10.25
CA ARG G 34 -12.17 15.27 9.16
C ARG G 34 -10.78 15.49 9.73
N PHE G 35 -9.91 14.54 9.52
CA PHE G 35 -8.55 14.62 10.02
C PHE G 35 -7.59 14.00 9.03
N LYS G 36 -6.30 14.32 9.17
CA LYS G 36 -5.31 13.78 8.28
C LYS G 36 -3.89 13.99 8.83
N LYS G 37 -3.02 13.00 8.70
CA LYS G 37 -1.68 13.17 9.21
C LYS G 37 -0.75 13.76 8.17
N PHE G 38 0.23 14.56 8.62
CA PHE G 38 1.18 15.20 7.73
C PHE G 38 2.61 15.12 8.26
N ALA G 39 3.56 15.30 7.35
CA ALA G 39 4.99 15.23 7.68
C ALA G 39 5.52 16.54 8.26
N THR G 40 4.86 17.63 7.95
CA THR G 40 5.31 18.92 8.45
C THR G 40 4.18 19.59 9.22
N GLU G 41 4.53 20.44 10.18
CA GLU G 41 3.52 21.13 10.94
C GLU G 41 2.75 22.07 10.02
N ASP G 42 3.49 22.70 9.11
CA ASP G 42 2.93 23.64 8.15
C ASP G 42 1.74 23.07 7.37
N GLU G 43 1.86 21.82 6.93
CA GLU G 43 0.79 21.16 6.19
C GLU G 43 -0.39 20.82 7.07
N ALA G 44 -0.11 20.38 8.29
CA ALA G 44 -1.16 20.01 9.22
C ALA G 44 -2.02 21.26 9.43
N TRP G 45 -1.35 22.38 9.70
CA TRP G 45 -2.07 23.63 9.93
C TRP G 45 -2.85 24.10 8.70
N ALA G 46 -2.27 23.96 7.53
CA ALA G 46 -2.99 24.37 6.32
C ALA G 46 -4.33 23.63 6.29
N PHE G 47 -4.28 22.32 6.53
CA PHE G 47 -5.47 21.46 6.54
C PHE G 47 -6.53 21.98 7.51
N VAL G 48 -6.10 22.27 8.72
CA VAL G 48 -6.97 22.77 9.77
C VAL G 48 -7.72 23.99 9.23
N ARG G 49 -6.95 24.96 8.76
CA ARG G 49 -7.51 26.19 8.24
C ARG G 49 -8.33 26.10 6.95
N LYS G 50 -8.38 24.94 6.30
CA LYS G 50 -9.20 24.83 5.08
C LYS G 50 -10.66 24.63 5.47
N SER G 51 -11.00 25.17 6.64
CA SER G 51 -12.33 25.12 7.20
C SER G 51 -12.18 25.39 8.70
N SER H 2 27.33 9.48 -14.16
CA SER H 2 28.07 8.29 -13.66
C SER H 2 27.90 7.13 -14.63
N HIS H 3 27.82 5.93 -14.09
CA HIS H 3 27.62 4.75 -14.92
C HIS H 3 26.44 4.00 -14.33
N MET H 4 25.43 4.81 -14.04
CA MET H 4 24.18 4.36 -13.48
C MET H 4 23.07 4.55 -14.52
N PHE H 5 22.45 3.45 -14.91
CA PHE H 5 21.39 3.49 -15.88
C PHE H 5 20.15 2.90 -15.24
N TYR H 6 19.11 3.72 -15.13
CA TYR H 6 17.88 3.26 -14.52
C TYR H 6 16.87 2.89 -15.58
N ALA H 7 16.56 1.62 -15.68
CA ALA H 7 15.59 1.19 -16.67
C ALA H 7 14.20 1.02 -16.10
N VAL H 8 13.21 1.62 -16.75
CA VAL H 8 11.82 1.41 -16.34
C VAL H 8 11.01 0.69 -17.45
N ARG H 9 10.56 -0.51 -17.13
CA ARG H 9 9.76 -1.32 -18.05
C ARG H 9 8.30 -0.89 -17.99
N ARG H 10 7.87 -0.46 -16.82
CA ARG H 10 6.50 -0.02 -16.62
C ARG H 10 6.58 1.16 -15.65
N GLY H 11 6.01 2.28 -16.05
CA GLY H 11 6.05 3.48 -15.22
C GLY H 11 5.41 4.58 -16.05
N ARG H 12 5.45 5.81 -15.58
CA ARG H 12 4.81 6.93 -16.29
C ARG H 12 5.36 7.09 -17.68
N LYS H 13 6.67 7.04 -17.77
CA LYS H 13 7.31 7.09 -19.06
C LYS H 13 8.34 5.98 -18.93
N THR H 14 8.33 5.04 -19.87
CA THR H 14 9.32 3.95 -19.85
C THR H 14 10.59 4.39 -20.57
N GLY H 15 11.64 3.59 -20.46
CA GLY H 15 12.89 3.95 -21.08
C GLY H 15 14.05 3.86 -20.10
N VAL H 16 15.17 4.49 -20.44
CA VAL H 16 16.36 4.45 -19.59
C VAL H 16 16.64 5.86 -19.14
N PHE H 17 16.89 6.04 -17.85
CA PHE H 17 17.18 7.37 -17.33
C PHE H 17 18.55 7.34 -16.69
N LEU H 18 19.18 8.51 -16.53
CA LEU H 18 20.53 8.60 -15.99
C LEU H 18 20.70 8.96 -14.51
N THR H 19 19.63 9.23 -13.81
CA THR H 19 19.76 9.52 -12.39
C THR H 19 18.55 8.86 -11.73
N TRP H 20 18.67 8.58 -10.43
CA TRP H 20 17.57 7.99 -9.71
C TRP H 20 16.44 9.03 -9.62
N ASN H 21 16.79 10.29 -9.48
CA ASN H 21 15.76 11.33 -9.38
C ASN H 21 14.78 11.24 -10.55
N GLU H 22 15.30 11.07 -11.75
CA GLU H 22 14.45 10.99 -12.93
C GLU H 22 13.65 9.71 -12.98
N CYS H 23 14.28 8.60 -12.63
CA CYS H 23 13.60 7.30 -12.61
C CYS H 23 12.47 7.29 -11.59
N ARG H 24 12.77 7.80 -10.40
CA ARG H 24 11.82 7.90 -9.30
C ARG H 24 10.54 8.59 -9.75
N ALA H 25 10.67 9.71 -10.45
CA ALA H 25 9.54 10.47 -10.96
C ALA H 25 8.62 9.64 -11.88
N GLN H 26 9.13 8.57 -12.47
CA GLN H 26 8.30 7.75 -13.35
C GLN H 26 7.67 6.57 -12.58
N VAL H 27 8.27 6.20 -11.45
CA VAL H 27 7.78 5.04 -10.70
C VAL H 27 7.18 5.24 -9.32
N ASP H 28 7.53 6.31 -8.62
CA ASP H 28 6.99 6.52 -7.30
C ASP H 28 5.48 6.60 -7.36
N ARG H 29 4.82 5.79 -6.54
CA ARG H 29 3.37 5.75 -6.49
C ARG H 29 2.73 5.28 -7.78
N PHE H 30 3.50 4.56 -8.62
CA PHE H 30 2.94 4.05 -9.87
C PHE H 30 2.60 2.58 -9.76
N PRO H 31 1.31 2.23 -9.95
CA PRO H 31 0.84 0.85 -9.87
C PRO H 31 1.63 -0.12 -10.73
N ALA H 32 2.15 -1.16 -10.09
CA ALA H 32 2.92 -2.19 -10.74
C ALA H 32 4.16 -1.69 -11.46
N ALA H 33 4.78 -0.63 -10.94
CA ALA H 33 5.97 -0.12 -11.56
C ALA H 33 6.93 -1.29 -11.73
N ARG H 34 7.89 -1.15 -12.63
CA ARG H 34 8.87 -2.21 -12.86
C ARG H 34 10.11 -1.50 -13.35
N PHE H 35 11.13 -1.48 -12.52
CA PHE H 35 12.37 -0.80 -12.84
C PHE H 35 13.57 -1.40 -12.13
N LYS H 36 14.76 -1.16 -12.68
CA LYS H 36 16.00 -1.67 -12.14
C LYS H 36 17.18 -0.82 -12.61
N LYS H 37 18.22 -0.76 -11.77
CA LYS H 37 19.40 0.02 -12.07
C LYS H 37 20.46 -0.86 -12.71
N PHE H 38 21.11 -0.36 -13.76
CA PHE H 38 22.17 -1.11 -14.43
C PHE H 38 23.43 -0.28 -14.62
N ALA H 39 24.58 -0.95 -14.72
CA ALA H 39 25.85 -0.27 -14.89
C ALA H 39 26.12 0.18 -16.33
N THR H 40 25.40 -0.41 -17.30
CA THR H 40 25.58 -0.01 -18.69
C THR H 40 24.23 0.20 -19.39
N GLU H 41 24.23 1.10 -20.36
CA GLU H 41 23.04 1.43 -21.10
C GLU H 41 22.39 0.22 -21.77
N ASP H 42 23.23 -0.65 -22.32
CA ASP H 42 22.77 -1.83 -23.03
C ASP H 42 22.04 -2.83 -22.11
N GLU H 43 22.54 -3.03 -20.89
CA GLU H 43 21.86 -3.96 -20.01
C GLU H 43 20.50 -3.41 -19.59
N ALA H 44 20.41 -2.08 -19.51
CA ALA H 44 19.16 -1.41 -19.14
C ALA H 44 18.10 -1.60 -20.22
N TRP H 45 18.49 -1.44 -21.49
CA TRP H 45 17.53 -1.61 -22.57
C TRP H 45 17.03 -3.03 -22.64
N ALA H 46 17.91 -3.99 -22.39
CA ALA H 46 17.52 -5.40 -22.41
C ALA H 46 16.37 -5.59 -21.41
N PHE H 47 16.50 -5.00 -20.23
CA PHE H 47 15.49 -5.10 -19.20
C PHE H 47 14.22 -4.40 -19.63
N VAL H 48 14.36 -3.24 -20.27
CA VAL H 48 13.20 -2.54 -20.73
C VAL H 48 12.52 -3.37 -21.78
N ARG H 49 13.29 -4.16 -22.51
CA ARG H 49 12.73 -4.98 -23.57
C ARG H 49 12.06 -6.30 -23.16
N LYS H 50 12.36 -6.79 -21.96
CA LYS H 50 11.76 -8.03 -21.49
C LYS H 50 10.28 -8.13 -21.83
N GLY I 1 21.43 -12.16 -0.89
CA GLY I 1 22.23 -12.55 -2.09
C GLY I 1 21.40 -12.46 -3.34
N SER I 2 22.01 -12.77 -4.49
CA SER I 2 21.33 -12.71 -5.78
C SER I 2 20.86 -14.10 -6.17
N HIS I 3 21.10 -15.06 -5.29
CA HIS I 3 20.73 -16.43 -5.60
C HIS I 3 20.16 -17.16 -4.40
N MET I 4 19.09 -16.64 -3.81
CA MET I 4 18.52 -17.33 -2.69
C MET I 4 17.50 -18.35 -3.05
N PHE I 5 17.05 -19.08 -2.05
CA PHE I 5 16.06 -20.13 -2.24
C PHE I 5 14.71 -19.61 -1.78
N TYR I 6 13.69 -19.77 -2.60
CA TYR I 6 12.36 -19.29 -2.19
C TYR I 6 11.56 -20.40 -1.61
N ALA I 7 11.36 -20.34 -0.30
CA ALA I 7 10.63 -21.36 0.42
C ALA I 7 9.17 -20.97 0.54
N VAL I 8 8.29 -21.81 0.01
CA VAL I 8 6.85 -21.57 0.09
C VAL I 8 6.19 -22.54 1.03
N ARG I 9 5.84 -22.06 2.22
CA ARG I 9 5.16 -22.90 3.20
C ARG I 9 3.68 -23.06 2.85
N ARG I 10 3.01 -21.99 2.44
CA ARG I 10 1.60 -22.11 2.08
C ARG I 10 1.38 -21.45 0.72
N GLY I 11 0.92 -22.20 -0.27
CA GLY I 11 0.69 -21.63 -1.59
C GLY I 11 0.19 -22.69 -2.56
N ARG I 12 -0.10 -22.34 -3.80
CA ARG I 12 -0.61 -23.34 -4.73
C ARG I 12 0.27 -24.55 -4.69
N LYS I 13 1.53 -24.35 -4.99
CA LYS I 13 2.51 -25.43 -4.94
C LYS I 13 3.48 -24.99 -3.85
N THR I 14 3.82 -25.87 -2.92
CA THR I 14 4.75 -25.53 -1.85
C THR I 14 6.07 -26.25 -2.09
N GLY I 15 7.09 -25.93 -1.30
CA GLY I 15 8.41 -26.53 -1.45
C GLY I 15 9.43 -25.42 -1.57
N VAL I 16 10.57 -25.71 -2.21
CA VAL I 16 11.59 -24.69 -2.39
C VAL I 16 11.79 -24.36 -3.89
N PHE I 17 11.82 -23.06 -4.20
CA PHE I 17 11.98 -22.59 -5.58
C PHE I 17 13.22 -21.74 -5.74
N LEU I 18 13.74 -21.70 -6.96
CA LEU I 18 14.96 -20.98 -7.24
C LEU I 18 14.79 -19.57 -7.80
N THR I 19 13.56 -19.20 -8.19
CA THR I 19 13.33 -17.87 -8.73
C THR I 19 12.11 -17.23 -8.10
N TRP I 20 12.09 -15.90 -8.03
CA TRP I 20 10.93 -15.22 -7.49
C TRP I 20 9.71 -15.52 -8.40
N ASN I 21 9.91 -15.42 -9.72
CA ASN I 21 8.85 -15.69 -10.71
C ASN I 21 8.08 -16.96 -10.34
N GLU I 22 8.82 -18.04 -10.19
CA GLU I 22 8.25 -19.32 -9.82
C GLU I 22 7.62 -19.32 -8.43
N CYS I 23 8.21 -18.58 -7.49
CA CYS I 23 7.68 -18.51 -6.13
C CYS I 23 6.40 -17.68 -6.17
N ARG I 24 6.48 -16.53 -6.83
CA ARG I 24 5.35 -15.63 -6.97
C ARG I 24 4.12 -16.36 -7.50
N ALA I 25 4.34 -17.31 -8.40
CA ALA I 25 3.23 -18.06 -8.95
C ALA I 25 2.53 -18.95 -7.95
N GLN I 26 3.19 -19.25 -6.84
CA GLN I 26 2.53 -20.12 -5.88
C GLN I 26 1.76 -19.37 -4.80
N VAL I 27 2.22 -18.16 -4.49
CA VAL I 27 1.66 -17.35 -3.43
C VAL I 27 0.78 -16.15 -3.80
N ASP I 28 1.10 -15.46 -4.88
CA ASP I 28 0.32 -14.29 -5.25
C ASP I 28 -1.18 -14.58 -5.36
N ARG I 29 -1.97 -13.70 -4.74
CA ARG I 29 -3.42 -13.86 -4.70
C ARG I 29 -3.81 -15.18 -4.05
N PHE I 30 -2.95 -15.68 -3.17
CA PHE I 30 -3.26 -16.94 -2.46
C PHE I 30 -3.63 -16.59 -1.01
N PRO I 31 -4.69 -17.21 -0.48
CA PRO I 31 -5.08 -16.89 0.90
C PRO I 31 -4.12 -17.42 1.96
N ALA I 32 -3.62 -16.52 2.78
CA ALA I 32 -2.71 -16.85 3.87
C ALA I 32 -1.38 -17.43 3.39
N ALA I 33 -0.93 -16.98 2.23
CA ALA I 33 0.33 -17.41 1.63
C ALA I 33 1.48 -17.24 2.61
N ARG I 34 2.32 -18.26 2.72
CA ARG I 34 3.44 -18.17 3.64
C ARG I 34 4.75 -18.53 2.95
N PHE I 35 5.62 -17.55 2.78
CA PHE I 35 6.87 -17.79 2.05
C PHE I 35 7.97 -16.82 2.47
N LYS I 36 9.22 -17.21 2.21
CA LYS I 36 10.35 -16.39 2.60
C LYS I 36 11.60 -16.92 1.91
N LYS I 37 12.55 -16.04 1.61
CA LYS I 37 13.77 -16.50 0.95
C LYS I 37 14.96 -16.66 1.90
N PHE I 38 15.77 -17.69 1.65
CA PHE I 38 16.92 -17.99 2.49
C PHE I 38 18.17 -18.29 1.69
N ALA I 39 19.31 -18.10 2.35
CA ALA I 39 20.59 -18.33 1.73
C ALA I 39 20.82 -19.80 1.37
N THR I 40 20.34 -20.74 2.18
CA THR I 40 20.55 -22.15 1.88
C THR I 40 19.29 -22.98 1.74
N GLU I 41 19.40 -24.05 0.99
CA GLU I 41 18.29 -24.95 0.76
C GLU I 41 17.74 -25.51 2.09
N ASP I 42 18.64 -25.89 3.00
CA ASP I 42 18.24 -26.42 4.31
C ASP I 42 17.33 -25.51 5.08
N GLU I 43 17.69 -24.22 5.14
CA GLU I 43 16.88 -23.26 5.86
C GLU I 43 15.55 -23.14 5.16
N ALA I 44 15.58 -23.15 3.83
CA ALA I 44 14.37 -23.05 3.05
C ALA I 44 13.46 -24.24 3.35
N TRP I 45 14.00 -25.45 3.40
CA TRP I 45 13.13 -26.58 3.70
C TRP I 45 12.65 -26.60 5.15
N ALA I 46 13.44 -26.05 6.07
CA ALA I 46 13.00 -26.03 7.47
C ALA I 46 11.78 -25.12 7.60
N PHE I 47 11.79 -24.00 6.88
CA PHE I 47 10.69 -23.07 6.92
C PHE I 47 9.43 -23.70 6.30
N VAL I 48 9.61 -24.50 5.24
CA VAL I 48 8.49 -25.15 4.57
C VAL I 48 7.76 -26.10 5.51
N ARG I 49 8.47 -26.68 6.45
CA ARG I 49 7.86 -27.65 7.36
C ARG I 49 7.65 -27.20 8.80
N LYS I 50 7.24 -25.96 9.01
CA LYS I 50 7.00 -25.47 10.36
C LYS I 50 5.51 -25.33 10.58
N HIS J 3 37.81 12.00 8.55
CA HIS J 3 36.64 12.46 9.34
C HIS J 3 35.54 12.96 8.40
N MET J 4 34.30 12.55 8.65
CA MET J 4 33.22 12.99 7.79
C MET J 4 32.00 13.56 8.49
N PHE J 5 31.20 14.26 7.70
CA PHE J 5 30.04 14.96 8.22
C PHE J 5 28.73 14.39 7.73
N TYR J 6 27.92 13.94 8.69
CA TYR J 6 26.63 13.34 8.39
C TYR J 6 25.49 14.35 8.37
N ALA J 7 25.04 14.68 7.16
CA ALA J 7 23.96 15.64 7.00
C ALA J 7 22.63 14.90 7.02
N VAL J 8 21.70 15.35 7.84
CA VAL J 8 20.37 14.72 7.88
C VAL J 8 19.29 15.74 7.48
N ARG J 9 18.66 15.51 6.33
CA ARG J 9 17.62 16.40 5.86
C ARG J 9 16.30 16.18 6.57
N ARG J 10 16.02 14.93 6.93
CA ARG J 10 14.79 14.60 7.66
C ARG J 10 15.08 13.48 8.67
N GLY J 11 14.75 13.74 9.93
CA GLY J 11 14.98 12.77 10.96
C GLY J 11 14.54 13.46 12.22
N ARG J 12 14.72 12.82 13.37
CA ARG J 12 14.28 13.38 14.64
C ARG J 12 14.85 14.77 14.85
N LYS J 13 16.11 14.94 14.47
CA LYS J 13 16.79 16.23 14.54
C LYS J 13 17.70 16.38 13.34
N THR J 14 17.50 17.44 12.57
CA THR J 14 18.34 17.68 11.40
C THR J 14 19.60 18.51 11.69
N GLY J 15 20.41 18.70 10.65
CA GLY J 15 21.66 19.42 10.76
C GLY J 15 22.80 18.44 10.50
N VAL J 16 24.04 18.85 10.74
CA VAL J 16 25.22 17.99 10.52
C VAL J 16 25.79 17.42 11.82
N PHE J 17 26.06 16.12 11.80
CA PHE J 17 26.57 15.42 12.96
C PHE J 17 27.92 14.84 12.62
N LEU J 18 28.78 14.71 13.61
CA LEU J 18 30.14 14.24 13.42
C LEU J 18 30.38 12.72 13.50
N THR J 19 29.34 11.98 13.90
CA THR J 19 29.47 10.52 13.99
C THR J 19 28.23 9.79 13.50
N TRP J 20 28.42 8.53 13.13
CA TRP J 20 27.34 7.72 12.64
C TRP J 20 26.27 7.55 13.74
N ASN J 21 26.73 7.35 14.97
CA ASN J 21 25.84 7.16 16.13
C ASN J 21 24.80 8.27 16.30
N GLU J 22 25.28 9.51 16.26
CA GLU J 22 24.41 10.67 16.40
C GLU J 22 23.50 10.75 15.18
N CYS J 23 24.07 10.54 13.99
CA CYS J 23 23.27 10.58 12.77
C CYS J 23 22.18 9.54 12.84
N ARG J 24 22.58 8.31 13.14
CA ARG J 24 21.68 7.17 13.21
C ARG J 24 20.53 7.36 14.19
N ALA J 25 20.75 8.14 15.24
CA ALA J 25 19.69 8.36 16.22
C ALA J 25 18.60 9.24 15.60
N GLN J 26 18.96 9.98 14.56
CA GLN J 26 17.99 10.85 13.91
C GLN J 26 17.14 10.16 12.85
N VAL J 27 17.70 9.13 12.21
CA VAL J 27 17.03 8.41 11.11
C VAL J 27 16.50 6.99 11.34
N ASP J 28 17.01 6.29 12.36
CA ASP J 28 16.56 4.94 12.65
C ASP J 28 15.05 4.88 12.88
N ARG J 29 14.35 4.10 12.08
CA ARG J 29 12.89 3.97 12.21
C ARG J 29 12.15 5.31 12.07
N PHE J 30 12.81 6.30 11.48
CA PHE J 30 12.19 7.61 11.29
C PHE J 30 11.56 7.66 9.89
N PRO J 31 10.22 7.75 9.82
CA PRO J 31 9.57 7.79 8.50
C PRO J 31 10.11 8.82 7.52
N ALA J 32 10.45 8.36 6.32
CA ALA J 32 10.95 9.21 5.25
C ALA J 32 12.26 9.93 5.57
N ALA J 33 13.05 9.41 6.50
CA ALA J 33 14.32 10.05 6.81
C ALA J 33 15.11 10.16 5.51
N ARG J 34 15.96 11.17 5.44
CA ARG J 34 16.81 11.38 4.28
C ARG J 34 18.13 11.87 4.84
N PHE J 35 19.13 11.01 4.75
CA PHE J 35 20.45 11.31 5.26
C PHE J 35 21.56 10.91 4.29
N LYS J 36 22.75 11.46 4.52
CA LYS J 36 23.91 11.17 3.68
C LYS J 36 25.18 11.82 4.26
N LYS J 37 26.33 11.13 4.11
CA LYS J 37 27.60 11.65 4.64
C LYS J 37 28.49 12.26 3.56
N PHE J 38 29.27 13.27 3.96
CA PHE J 38 30.17 13.97 3.04
C PHE J 38 31.56 14.21 3.66
N ALA J 39 32.53 14.53 2.79
CA ALA J 39 33.93 14.76 3.19
C ALA J 39 34.22 16.15 3.75
N THR J 40 33.30 17.08 3.54
CA THR J 40 33.44 18.45 4.03
C THR J 40 32.10 18.87 4.62
N GLU J 41 32.15 19.75 5.63
CA GLU J 41 30.92 20.18 6.27
C GLU J 41 30.02 21.06 5.40
N ASP J 42 30.64 21.88 4.56
CA ASP J 42 29.89 22.75 3.69
C ASP J 42 29.02 21.93 2.77
N GLU J 43 29.60 20.83 2.30
CA GLU J 43 28.94 19.90 1.41
C GLU J 43 27.77 19.25 2.15
N ALA J 44 27.97 19.07 3.46
CA ALA J 44 26.96 18.48 4.31
C ALA J 44 25.75 19.40 4.45
N TRP J 45 25.95 20.63 4.90
CA TRP J 45 24.80 21.53 5.05
C TRP J 45 24.09 21.79 3.72
N ALA J 46 24.84 21.75 2.62
CA ALA J 46 24.26 22.00 1.31
C ALA J 46 23.15 20.97 1.09
N PHE J 47 23.38 19.78 1.61
CA PHE J 47 22.44 18.66 1.51
C PHE J 47 21.24 18.90 2.43
N VAL J 48 21.51 19.28 3.68
CA VAL J 48 20.47 19.55 4.67
C VAL J 48 19.59 20.72 4.22
N ARG J 49 20.22 21.77 3.70
CA ARG J 49 19.49 22.95 3.22
C ARG J 49 20.42 24.00 2.61
#